data_5HXC
#
_entry.id   5HXC
#
_cell.length_a   49.754
_cell.length_b   72.560
_cell.length_c   95.775
_cell.angle_alpha   90.000
_cell.angle_beta   90.000
_cell.angle_gamma   90.000
#
_symmetry.space_group_name_H-M   'P 21 21 21'
#
loop_
_entity.id
_entity.type
_entity.pdbx_description
1 polymer 'sodium,calcium exchanger'
2 non-polymer 'CALCIUM ION'
3 non-polymer 'SODIUM ION'
4 non-polymer 'PENTAETHYLENE GLYCOL'
5 non-polymer 3,5,7-TRIHYDROXY-2-(3,4,5-TRIHYDROXYPHENYL)-4H-CHROMEN-4-ONE
6 non-polymer PENTADECANE
7 non-polymer '(2R)-2,3-dihydroxypropyl (9Z)-octadec-9-enoate'
8 water water
#
_entity_poly.entity_id   1
_entity_poly.type   'polypeptide(L)'
_entity_poly.pdbx_seq_one_letter_code
;MVILGVGYFLLGLILLYYGSDWFVLGSERIARHFNVSNFVIGATVMAIGTSLPEILTSAYASYMHAPGISIGNAIGSCIC
NIGLVLGLSAIISPIIVDKNLQKNILVYLLFVIFAAVIGIDGFSWIDGVVLLILFIIYLRWTVKNGSAEIEENNDKNNPS
VVFSLVLLIIGLIGVLVGAELFVDGAKKIALALDISDKVIGFTLVAFGTSLPELMVSLAAAKRNLGGMVLGNVIGSNIAD
IGGALAVGSLFMHLPAENVQMAVLVIMSLLLYLFAKYSKIGRWQGILFLALYIIAIASLRMGGG
;
_entity_poly.pdbx_strand_id   A
#
# COMPACT_ATOMS: atom_id res chain seq x y z
N MET A 1 3.35 -1.55 -32.25
CA MET A 1 2.65 -1.92 -31.03
C MET A 1 3.60 -1.97 -29.84
N VAL A 2 4.89 -2.07 -30.13
CA VAL A 2 5.91 -2.06 -29.08
C VAL A 2 6.28 -0.63 -28.70
N ILE A 3 6.17 0.28 -29.67
CA ILE A 3 6.53 1.68 -29.41
C ILE A 3 5.46 2.32 -28.54
N LEU A 4 4.21 1.92 -28.75
CA LEU A 4 3.10 2.34 -27.93
C LEU A 4 3.29 1.89 -26.48
N GLY A 5 3.78 0.67 -26.29
CA GLY A 5 4.05 0.13 -24.97
C GLY A 5 5.16 0.88 -24.26
N VAL A 6 6.20 1.21 -25.01
CA VAL A 6 7.32 1.97 -24.47
C VAL A 6 6.84 3.37 -24.10
N GLY A 7 5.88 3.88 -24.90
CA GLY A 7 5.33 5.20 -24.68
C GLY A 7 4.61 5.27 -23.35
N TYR A 8 3.61 4.40 -23.17
CA TYR A 8 2.89 4.24 -21.91
C TYR A 8 3.85 4.05 -20.74
N PHE A 9 4.79 3.13 -20.88
CA PHE A 9 5.78 2.82 -19.86
C PHE A 9 6.54 4.05 -19.36
N LEU A 10 7.07 4.85 -20.28
CA LEU A 10 7.87 6.01 -19.91
C LEU A 10 6.96 7.10 -19.32
N LEU A 11 5.80 7.27 -19.95
CA LEU A 11 4.83 8.26 -19.53
C LEU A 11 4.31 7.99 -18.12
N GLY A 12 3.98 6.72 -17.85
CA GLY A 12 3.57 6.28 -16.54
C GLY A 12 4.62 6.59 -15.49
N LEU A 13 5.89 6.39 -15.84
CA LEU A 13 6.98 6.70 -14.93
C LEU A 13 7.03 8.18 -14.58
N ILE A 14 6.80 9.02 -15.60
CA ILE A 14 6.81 10.46 -15.44
C ILE A 14 5.69 10.93 -14.51
N LEU A 15 4.48 10.45 -14.78
CA LEU A 15 3.33 10.76 -13.95
C LEU A 15 3.53 10.26 -12.53
N LEU A 16 4.07 9.04 -12.39
CA LEU A 16 4.36 8.49 -11.08
C LEU A 16 5.32 9.38 -10.32
N TYR A 17 6.40 9.78 -10.99
CA TYR A 17 7.42 10.60 -10.36
C TYR A 17 6.86 11.95 -9.88
N TYR A 18 6.26 12.71 -10.79
CA TYR A 18 5.80 14.05 -10.43
C TYR A 18 4.51 13.99 -9.64
N GLY A 19 3.59 13.13 -10.05
CA GLY A 19 2.35 12.92 -9.33
C GLY A 19 2.55 12.60 -7.87
N SER A 20 3.50 11.72 -7.56
CA SER A 20 3.71 11.31 -6.17
C SER A 20 4.13 12.51 -5.33
N ASP A 21 4.98 13.36 -5.88
CA ASP A 21 5.45 14.52 -5.15
C ASP A 21 4.33 15.52 -4.91
N TRP A 22 3.44 15.70 -5.90
CA TRP A 22 2.29 16.56 -5.77
CA TRP A 22 2.30 16.57 -5.75
C TRP A 22 1.34 16.03 -4.69
N PHE A 23 1.13 14.73 -4.70
CA PHE A 23 0.22 14.09 -3.76
C PHE A 23 0.72 14.33 -2.34
N VAL A 24 2.02 14.12 -2.15
CA VAL A 24 2.68 14.33 -0.86
C VAL A 24 2.56 15.80 -0.41
N LEU A 25 2.92 16.71 -1.29
CA LEU A 25 2.86 18.14 -0.95
C LEU A 25 1.43 18.56 -0.59
N GLY A 26 0.47 18.15 -1.43
CA GLY A 26 -0.92 18.48 -1.18
C GLY A 26 -1.42 17.82 0.10
N SER A 27 -0.96 16.60 0.39
CA SER A 27 -1.37 15.91 1.62
C SER A 27 -0.76 16.55 2.87
N GLU A 28 0.47 17.04 2.74
CA GLU A 28 1.17 17.69 3.84
C GLU A 28 0.48 19.01 4.20
N ARG A 29 0.06 19.75 3.17
CA ARG A 29 -0.67 21.00 3.36
C ARG A 29 -2.05 20.75 3.96
N ILE A 30 -2.75 19.73 3.45
CA ILE A 30 -4.08 19.38 3.96
C ILE A 30 -4.01 19.02 5.44
N ALA A 31 -2.98 18.27 5.82
CA ALA A 31 -2.71 17.95 7.24
C ALA A 31 -2.64 19.21 8.10
N ARG A 32 -1.90 20.22 7.62
CA ARG A 32 -1.77 21.48 8.34
C ARG A 32 -3.09 22.26 8.32
N HIS A 33 -3.85 22.17 7.23
CA HIS A 33 -5.19 22.75 7.15
CA HIS A 33 -5.17 22.78 7.18
C HIS A 33 -6.09 22.25 8.28
N PHE A 34 -6.13 20.92 8.41
CA PHE A 34 -7.06 20.28 9.33
C PHE A 34 -6.49 20.08 10.71
N ASN A 35 -5.27 20.55 10.92
CA ASN A 35 -4.59 20.38 12.20
C ASN A 35 -4.50 18.92 12.61
N VAL A 36 -4.09 18.07 11.67
CA VAL A 36 -3.81 16.68 11.98
C VAL A 36 -2.36 16.37 11.61
N SER A 37 -1.78 15.39 12.28
CA SER A 37 -0.40 14.98 12.00
C SER A 37 -0.23 14.43 10.58
N ASN A 38 1.02 14.36 10.14
CA ASN A 38 1.32 13.74 8.86
C ASN A 38 1.00 12.25 8.88
N PHE A 39 1.18 11.61 10.04
CA PHE A 39 0.85 10.21 10.16
C PHE A 39 -0.64 9.98 9.85
N VAL A 40 -1.49 10.82 10.43
CA VAL A 40 -2.92 10.70 10.21
C VAL A 40 -3.30 10.83 8.73
N ILE A 41 -2.77 11.85 8.08
CA ILE A 41 -3.13 12.07 6.70
C ILE A 41 -2.57 10.91 5.87
N GLY A 42 -1.39 10.44 6.25
CA GLY A 42 -0.75 9.31 5.59
C GLY A 42 -1.58 8.05 5.75
N ALA A 43 -2.12 7.83 6.95
CA ALA A 43 -2.83 6.57 7.26
C ALA A 43 -4.25 6.57 6.74
N THR A 44 -4.75 7.73 6.33
CA THR A 44 -6.15 7.79 5.93
C THR A 44 -6.26 8.12 4.45
N VAL A 45 -6.22 9.40 4.10
CA VAL A 45 -6.38 9.84 2.72
C VAL A 45 -5.33 9.21 1.80
N MET A 46 -4.07 9.24 2.21
CA MET A 46 -3.01 8.71 1.35
C MET A 46 -3.07 7.19 1.19
N ALA A 47 -3.19 6.51 2.32
CA ALA A 47 -3.25 5.05 2.34
C ALA A 47 -4.42 4.54 1.51
N ILE A 48 -5.61 5.11 1.71
CA ILE A 48 -6.78 4.64 0.99
C ILE A 48 -6.66 4.96 -0.52
N GLY A 49 -6.30 6.20 -0.81
CA GLY A 49 -6.09 6.64 -2.18
C GLY A 49 -5.18 5.70 -2.95
N THR A 50 -4.04 5.36 -2.35
CA THR A 50 -3.07 4.51 -3.05
C THR A 50 -3.45 3.03 -3.05
N SER A 51 -4.36 2.63 -2.16
CA SER A 51 -4.83 1.25 -2.10
C SER A 51 -6.07 1.01 -2.98
N LEU A 52 -6.56 2.05 -3.64
CA LEU A 52 -7.68 1.86 -4.58
C LEU A 52 -7.40 0.78 -5.65
N PRO A 53 -6.14 0.68 -6.15
CA PRO A 53 -5.86 -0.43 -7.07
C PRO A 53 -6.01 -1.83 -6.44
N GLU A 54 -5.51 -2.03 -5.22
CA GLU A 54 -5.68 -3.31 -4.53
C GLU A 54 -7.16 -3.65 -4.33
N ILE A 55 -7.93 -2.68 -3.86
CA ILE A 55 -9.36 -2.88 -3.60
C ILE A 55 -10.08 -3.31 -4.88
N LEU A 56 -9.91 -2.54 -5.94
CA LEU A 56 -10.52 -2.88 -7.22
C LEU A 56 -10.06 -4.23 -7.73
N THR A 57 -8.75 -4.47 -7.67
CA THR A 57 -8.17 -5.71 -8.18
C THR A 57 -8.69 -6.93 -7.42
N SER A 58 -8.71 -6.87 -6.09
CA SER A 58 -9.19 -7.99 -5.29
C SER A 58 -10.68 -8.23 -5.54
N ALA A 59 -11.44 -7.15 -5.64
CA ALA A 59 -12.87 -7.28 -5.88
C ALA A 59 -13.08 -7.94 -7.23
N TYR A 60 -12.47 -7.37 -8.26
CA TYR A 60 -12.56 -7.89 -9.62
C TYR A 60 -12.11 -9.33 -9.73
N ALA A 61 -10.99 -9.68 -9.08
CA ALA A 61 -10.46 -11.03 -9.18
C ALA A 61 -11.41 -12.04 -8.55
N SER A 62 -11.98 -11.70 -7.39
CA SER A 62 -12.85 -12.66 -6.71
C SER A 62 -14.17 -12.82 -7.49
N TYR A 63 -14.68 -11.71 -8.00
CA TYR A 63 -15.86 -11.74 -8.87
C TYR A 63 -15.65 -12.65 -10.11
N MET A 64 -14.42 -12.66 -10.64
CA MET A 64 -14.11 -13.47 -11.81
C MET A 64 -13.66 -14.87 -11.45
N HIS A 65 -13.98 -15.28 -10.23
CA HIS A 65 -13.71 -16.64 -9.75
C HIS A 65 -12.21 -16.91 -9.64
N ALA A 66 -11.45 -15.90 -9.24
CA ALA A 66 -10.03 -16.09 -8.99
C ALA A 66 -9.68 -15.58 -7.59
N PRO A 67 -10.29 -16.17 -6.56
CA PRO A 67 -10.11 -15.67 -5.20
C PRO A 67 -8.65 -15.77 -4.72
N GLY A 68 -7.86 -16.65 -5.31
CA GLY A 68 -6.49 -16.82 -4.91
C GLY A 68 -5.67 -15.59 -5.27
N ILE A 69 -5.97 -15.03 -6.43
CA ILE A 69 -5.37 -13.79 -6.85
C ILE A 69 -5.82 -12.65 -5.95
N SER A 70 -7.09 -12.70 -5.55
CA SER A 70 -7.69 -11.68 -4.72
C SER A 70 -6.93 -11.56 -3.39
N ILE A 71 -6.72 -12.68 -2.71
CA ILE A 71 -5.99 -12.62 -1.44
C ILE A 71 -4.47 -12.49 -1.68
N GLY A 72 -3.96 -13.10 -2.74
CA GLY A 72 -2.54 -13.02 -3.08
C GLY A 72 -2.09 -11.58 -3.28
N ASN A 73 -2.89 -10.83 -4.02
CA ASN A 73 -2.66 -9.41 -4.23
C ASN A 73 -2.72 -8.59 -2.93
N ALA A 74 -3.70 -8.89 -2.08
CA ALA A 74 -3.91 -8.13 -0.85
C ALA A 74 -2.74 -8.32 0.13
N ILE A 75 -2.42 -9.57 0.45
CA ILE A 75 -1.36 -9.85 1.41
C ILE A 75 0.04 -9.57 0.83
N GLY A 76 0.20 -9.80 -0.47
CA GLY A 76 1.46 -9.50 -1.14
C GLY A 76 1.78 -8.02 -1.09
N SER A 77 0.75 -7.19 -1.24
CA SER A 77 0.94 -5.75 -1.11
C SER A 77 1.41 -5.41 0.30
N CYS A 78 0.81 -6.05 1.31
CA CYS A 78 1.20 -5.77 2.70
C CYS A 78 2.68 -6.07 2.96
N ILE A 79 3.14 -7.20 2.45
CA ILE A 79 4.52 -7.62 2.59
C ILE A 79 5.44 -6.67 1.83
N CYS A 80 5.00 -6.27 0.64
CA CYS A 80 5.74 -5.29 -0.14
C CYS A 80 5.83 -3.92 0.56
N ASN A 81 4.73 -3.49 1.19
CA ASN A 81 4.73 -2.17 1.83
C ASN A 81 5.71 -2.09 2.97
N ILE A 82 5.88 -3.17 3.70
CA ILE A 82 6.84 -3.15 4.80
C ILE A 82 8.26 -3.49 4.34
N GLY A 83 8.42 -4.53 3.54
CA GLY A 83 9.74 -5.00 3.17
C GLY A 83 10.43 -4.09 2.17
N LEU A 84 9.70 -3.70 1.14
CA LEU A 84 10.29 -2.89 0.07
C LEU A 84 10.08 -1.39 0.30
N VAL A 85 8.83 -1.01 0.47
CA VAL A 85 8.48 0.40 0.56
C VAL A 85 9.04 1.03 1.84
N LEU A 86 8.76 0.44 2.99
CA LEU A 86 9.29 0.98 4.25
C LEU A 86 10.80 0.77 4.31
N GLY A 87 11.29 -0.35 3.80
CA GLY A 87 12.73 -0.64 3.81
C GLY A 87 13.54 0.45 3.13
N LEU A 88 13.20 0.74 1.89
CA LEU A 88 13.83 1.82 1.14
C LEU A 88 13.67 3.16 1.86
N SER A 89 12.45 3.43 2.32
CA SER A 89 12.15 4.75 2.91
C SER A 89 12.88 5.00 4.22
N ALA A 90 13.02 3.96 5.04
CA ALA A 90 13.73 4.08 6.31
C ALA A 90 15.21 4.40 6.09
N ILE A 91 15.78 3.86 5.01
CA ILE A 91 17.19 4.11 4.72
C ILE A 91 17.34 5.57 4.30
N ILE A 92 16.40 6.02 3.49
CA ILE A 92 16.43 7.41 3.01
C ILE A 92 16.18 8.43 4.12
N SER A 93 15.24 8.15 5.02
CA SER A 93 14.90 9.09 6.08
C SER A 93 14.53 8.36 7.36
N PRO A 94 15.53 8.07 8.22
CA PRO A 94 15.29 7.28 9.43
C PRO A 94 14.27 7.96 10.33
N ILE A 95 13.51 7.15 11.03
CA ILE A 95 12.38 7.62 11.81
C ILE A 95 12.44 7.17 13.26
N ILE A 96 12.31 8.10 14.20
CA ILE A 96 12.03 7.71 15.58
C ILE A 96 10.56 7.97 15.87
N VAL A 97 9.87 6.93 16.32
CA VAL A 97 8.44 6.95 16.46
C VAL A 97 8.03 7.47 17.84
N ASP A 98 7.22 8.52 17.87
CA ASP A 98 6.75 9.06 19.14
C ASP A 98 5.76 8.08 19.81
N LYS A 99 5.50 8.30 21.10
CA LYS A 99 4.74 7.35 21.91
C LYS A 99 3.32 7.11 21.40
N ASN A 100 2.70 8.15 20.88
CA ASN A 100 1.33 8.01 20.41
C ASN A 100 1.26 7.24 19.11
N LEU A 101 2.26 7.41 18.25
CA LEU A 101 2.28 6.65 17.03
C LEU A 101 2.62 5.18 17.30
N GLN A 102 3.38 4.94 18.37
CA GLN A 102 3.72 3.57 18.77
C GLN A 102 2.47 2.80 19.11
N LYS A 103 1.51 3.49 19.72
CA LYS A 103 0.21 2.92 20.07
C LYS A 103 -0.57 2.56 18.82
N ASN A 104 -0.49 3.41 17.81
CA ASN A 104 -1.18 3.14 16.55
C ASN A 104 -0.64 1.88 15.90
N ILE A 105 0.69 1.76 15.90
CA ILE A 105 1.36 0.62 15.30
C ILE A 105 1.03 -0.68 16.06
N LEU A 106 0.86 -0.60 17.37
CA LEU A 106 0.48 -1.79 18.15
C LEU A 106 -0.94 -2.24 17.77
N VAL A 107 -1.83 -1.29 17.56
CA VAL A 107 -3.18 -1.61 17.14
C VAL A 107 -3.13 -2.28 15.77
N TYR A 108 -2.28 -1.75 14.89
CA TYR A 108 -2.08 -2.37 13.59
C TYR A 108 -1.67 -3.84 13.73
N LEU A 109 -0.70 -4.08 14.61
CA LEU A 109 -0.18 -5.43 14.82
C LEU A 109 -1.29 -6.39 15.30
N LEU A 110 -2.10 -5.92 16.24
CA LEU A 110 -3.20 -6.72 16.75
C LEU A 110 -4.20 -7.03 15.63
N PHE A 111 -4.47 -6.03 14.80
CA PHE A 111 -5.37 -6.20 13.67
C PHE A 111 -4.86 -7.29 12.75
N VAL A 112 -3.57 -7.24 12.46
CA VAL A 112 -2.95 -8.20 11.57
C VAL A 112 -2.95 -9.60 12.16
N ILE A 113 -2.64 -9.71 13.46
CA ILE A 113 -2.68 -11.02 14.12
C ILE A 113 -4.12 -11.56 14.11
N PHE A 114 -5.08 -10.69 14.39
CA PHE A 114 -6.49 -11.09 14.32
C PHE A 114 -6.87 -11.60 12.91
N ALA A 115 -6.48 -10.88 11.86
CA ALA A 115 -6.76 -11.35 10.49
C ALA A 115 -6.09 -12.69 10.19
N ALA A 116 -4.86 -12.88 10.66
CA ALA A 116 -4.14 -14.13 10.40
C ALA A 116 -4.86 -15.32 11.05
N VAL A 117 -5.28 -15.13 12.28
CA VAL A 117 -5.92 -16.20 13.01
C VAL A 117 -7.27 -16.58 12.40
N ILE A 118 -8.13 -15.61 12.11
CA ILE A 118 -9.43 -15.94 11.51
C ILE A 118 -9.31 -16.46 10.07
N GLY A 119 -8.18 -16.16 9.43
CA GLY A 119 -7.97 -16.61 8.07
C GLY A 119 -7.28 -17.98 7.91
N ILE A 120 -7.02 -18.66 9.01
CA ILE A 120 -6.35 -19.97 8.96
C ILE A 120 -7.09 -20.96 8.06
N ASP A 121 -8.42 -20.87 8.08
CA ASP A 121 -9.27 -21.69 7.25
C ASP A 121 -9.76 -20.87 6.07
N GLY A 122 -9.02 -19.82 5.73
CA GLY A 122 -9.42 -18.94 4.65
C GLY A 122 -10.37 -17.87 5.16
N PHE A 123 -10.87 -17.03 4.27
CA PHE A 123 -11.71 -15.90 4.64
C PHE A 123 -13.09 -15.98 4.01
N SER A 124 -14.13 -15.97 4.84
CA SER A 124 -15.50 -15.94 4.38
C SER A 124 -16.01 -14.52 4.30
N TRP A 125 -17.21 -14.36 3.75
CA TRP A 125 -17.81 -13.04 3.61
C TRP A 125 -18.04 -12.42 5.00
N ILE A 126 -18.22 -13.27 6.01
CA ILE A 126 -18.41 -12.78 7.38
C ILE A 126 -17.09 -12.24 7.94
N ASP A 127 -16.01 -12.99 7.70
CA ASP A 127 -14.68 -12.49 8.03
C ASP A 127 -14.49 -11.12 7.39
N GLY A 128 -14.93 -10.98 6.15
CA GLY A 128 -14.79 -9.72 5.45
C GLY A 128 -15.53 -8.58 6.13
N VAL A 129 -16.77 -8.83 6.54
CA VAL A 129 -17.58 -7.80 7.17
C VAL A 129 -16.92 -7.36 8.45
N VAL A 130 -16.44 -8.33 9.24
CA VAL A 130 -15.77 -8.02 10.49
C VAL A 130 -14.54 -7.11 10.25
N LEU A 131 -13.72 -7.48 9.27
CA LEU A 131 -12.48 -6.77 8.99
C LEU A 131 -12.74 -5.33 8.52
N LEU A 132 -13.77 -5.19 7.69
CA LEU A 132 -14.17 -3.88 7.19
C LEU A 132 -14.62 -2.99 8.34
N ILE A 133 -15.33 -3.59 9.30
CA ILE A 133 -15.81 -2.83 10.46
C ILE A 133 -14.60 -2.39 11.31
N LEU A 134 -13.64 -3.27 11.49
CA LEU A 134 -12.46 -2.90 12.28
C LEU A 134 -11.64 -1.82 11.56
N PHE A 135 -11.63 -1.90 10.22
CA PHE A 135 -10.97 -0.92 9.36
C PHE A 135 -11.56 0.48 9.61
N ILE A 136 -12.89 0.59 9.51
CA ILE A 136 -13.58 1.83 9.80
C ILE A 136 -13.29 2.37 11.22
N ILE A 137 -13.34 1.49 12.21
CA ILE A 137 -13.05 1.88 13.59
C ILE A 137 -11.60 2.38 13.67
N TYR A 138 -10.66 1.62 13.09
CA TYR A 138 -9.28 2.04 13.06
C TYR A 138 -9.17 3.49 12.51
N LEU A 139 -9.85 3.77 11.41
CA LEU A 139 -9.76 5.07 10.78
C LEU A 139 -10.27 6.19 11.70
N ARG A 140 -11.44 5.98 12.32
CA ARG A 140 -12.01 6.98 13.21
C ARG A 140 -11.15 7.18 14.43
N TRP A 141 -10.66 6.09 15.01
CA TRP A 141 -9.79 6.13 16.18
CA TRP A 141 -9.78 6.15 16.17
C TRP A 141 -8.50 6.93 15.85
N THR A 142 -7.92 6.65 14.69
CA THR A 142 -6.68 7.27 14.27
C THR A 142 -6.85 8.78 14.08
N VAL A 143 -7.90 9.17 13.37
CA VAL A 143 -8.19 10.56 13.13
C VAL A 143 -8.44 11.29 14.46
N LYS A 144 -9.24 10.70 15.33
CA LYS A 144 -9.51 11.34 16.62
C LYS A 144 -8.23 11.64 17.39
N ASN A 145 -7.36 10.63 17.52
CA ASN A 145 -6.16 10.78 18.35
C ASN A 145 -5.06 11.63 17.72
N GLY A 146 -5.14 11.89 16.43
CA GLY A 146 -4.13 12.71 15.79
C GLY A 146 -4.70 14.07 15.40
N SER A 147 -5.89 14.37 15.94
CA SER A 147 -6.57 15.63 15.64
C SER A 147 -6.49 16.62 16.78
N ALA A 148 -6.27 17.88 16.42
CA ALA A 148 -6.43 18.98 17.35
C ALA A 148 -7.55 19.87 16.83
N GLU A 149 -8.80 19.47 17.06
CA GLU A 149 -9.95 20.21 16.56
C GLU A 149 -10.11 21.56 17.26
N ILE A 150 -10.13 22.64 16.49
CA ILE A 150 -10.27 23.97 17.05
C ILE A 150 -11.31 24.80 16.27
N GLU A 151 -11.24 24.74 14.95
CA GLU A 151 -12.00 25.63 14.08
C GLU A 151 -13.11 24.89 13.33
N LYS A 156 -14.02 31.30 3.89
CA LYS A 156 -14.83 30.87 2.76
C LYS A 156 -14.15 29.71 2.05
N ASN A 157 -13.02 29.97 1.45
CA ASN A 157 -12.52 29.25 0.25
C ASN A 157 -11.23 29.87 -0.15
N ASN A 158 -10.40 29.85 0.89
CA ASN A 158 -9.02 30.27 0.95
C ASN A 158 -8.18 29.65 -0.16
N PRO A 159 -7.39 30.49 -0.84
CA PRO A 159 -6.52 30.03 -1.92
C PRO A 159 -5.53 28.98 -1.41
N SER A 160 -5.11 29.04 -0.15
CA SER A 160 -4.21 28.03 0.39
C SER A 160 -4.88 26.66 0.38
N VAL A 161 -6.13 26.62 0.81
CA VAL A 161 -6.92 25.38 0.83
C VAL A 161 -7.13 24.79 -0.54
N VAL A 162 -7.62 25.62 -1.45
CA VAL A 162 -7.88 25.22 -2.83
C VAL A 162 -6.65 24.60 -3.45
N PHE A 163 -5.56 25.36 -3.47
CA PHE A 163 -4.32 24.89 -4.08
C PHE A 163 -3.88 23.57 -3.44
N SER A 164 -4.13 23.42 -2.15
CA SER A 164 -3.83 22.17 -1.44
C SER A 164 -4.61 20.99 -2.00
N LEU A 165 -5.92 21.15 -2.07
CA LEU A 165 -6.79 20.08 -2.57
C LEU A 165 -6.52 19.78 -4.04
N VAL A 166 -6.13 20.79 -4.80
CA VAL A 166 -5.82 20.59 -6.21
C VAL A 166 -4.56 19.75 -6.36
N LEU A 167 -3.50 20.14 -5.66
CA LEU A 167 -2.27 19.36 -5.63
C LEU A 167 -2.55 17.91 -5.29
N LEU A 168 -3.28 17.70 -4.20
CA LEU A 168 -3.56 16.37 -3.70
C LEU A 168 -4.29 15.53 -4.74
N ILE A 169 -5.38 16.07 -5.28
CA ILE A 169 -6.22 15.34 -6.21
C ILE A 169 -5.53 15.08 -7.56
N ILE A 170 -4.84 16.10 -8.08
CA ILE A 170 -4.14 15.93 -9.33
C ILE A 170 -2.96 14.98 -9.12
N GLY A 171 -2.27 15.13 -8.00
CA GLY A 171 -1.21 14.20 -7.64
C GLY A 171 -1.72 12.76 -7.59
N LEU A 172 -2.87 12.56 -6.94
CA LEU A 172 -3.43 11.22 -6.83
C LEU A 172 -3.80 10.65 -8.19
N ILE A 173 -4.37 11.48 -9.06
CA ILE A 173 -4.74 11.04 -10.39
C ILE A 173 -3.48 10.68 -11.15
N GLY A 174 -2.48 11.53 -11.02
CA GLY A 174 -1.17 11.26 -11.59
C GLY A 174 -0.56 9.92 -11.17
N VAL A 175 -0.60 9.57 -9.87
CA VAL A 175 0.04 8.31 -9.45
C VAL A 175 -0.79 7.10 -9.88
N LEU A 176 -2.10 7.20 -9.79
CA LEU A 176 -2.97 6.09 -10.17
C LEU A 176 -2.95 5.84 -11.70
N VAL A 177 -3.04 6.90 -12.49
CA VAL A 177 -2.98 6.77 -13.95
C VAL A 177 -1.58 6.29 -14.35
N GLY A 178 -0.58 6.85 -13.71
CA GLY A 178 0.80 6.51 -13.99
C GLY A 178 1.09 5.05 -13.72
N ALA A 179 0.54 4.53 -12.62
CA ALA A 179 0.74 3.13 -12.28
C ALA A 179 0.09 2.23 -13.35
N GLU A 180 -1.10 2.63 -13.77
CA GLU A 180 -1.83 1.91 -14.81
C GLU A 180 -1.07 1.91 -16.14
N LEU A 181 -0.53 3.06 -16.54
CA LEU A 181 0.21 3.19 -17.80
C LEU A 181 1.51 2.41 -17.77
N PHE A 182 2.17 2.45 -16.62
CA PHE A 182 3.38 1.68 -16.41
C PHE A 182 3.11 0.19 -16.68
N VAL A 183 2.09 -0.33 -16.02
CA VAL A 183 1.73 -1.73 -16.12
C VAL A 183 1.23 -2.12 -17.52
N ASP A 184 0.34 -1.31 -18.07
N ASP A 184 0.32 -1.32 -18.05
CA ASP A 184 -0.21 -1.56 -19.40
CA ASP A 184 -0.22 -1.58 -19.39
C ASP A 184 0.89 -1.47 -20.44
C ASP A 184 0.90 -1.48 -20.43
N GLY A 185 1.78 -0.49 -20.26
CA GLY A 185 2.93 -0.33 -21.12
C GLY A 185 3.88 -1.52 -21.07
N ALA A 186 4.21 -1.98 -19.86
CA ALA A 186 5.05 -3.16 -19.70
C ALA A 186 4.42 -4.36 -20.38
N LYS A 187 3.12 -4.59 -20.14
CA LYS A 187 2.40 -5.73 -20.71
C LYS A 187 2.37 -5.75 -22.25
N LYS A 188 2.25 -4.59 -22.88
CA LYS A 188 2.23 -4.57 -24.33
C LYS A 188 3.64 -4.67 -24.90
N ILE A 189 4.62 -4.24 -24.13
CA ILE A 189 5.99 -4.51 -24.52
C ILE A 189 6.22 -6.03 -24.50
N ALA A 190 5.88 -6.69 -23.40
CA ALA A 190 6.08 -8.13 -23.28
C ALA A 190 5.30 -8.90 -24.35
N LEU A 191 4.09 -8.44 -24.62
CA LEU A 191 3.26 -9.11 -25.61
C LEU A 191 3.90 -8.92 -26.98
N ALA A 192 4.34 -7.70 -27.27
CA ALA A 192 4.92 -7.40 -28.56
C ALA A 192 6.18 -8.22 -28.82
N LEU A 193 6.99 -8.43 -27.77
CA LEU A 193 8.26 -9.13 -27.91
C LEU A 193 8.06 -10.62 -27.74
N ASP A 194 6.82 -11.03 -27.53
CA ASP A 194 6.45 -12.43 -27.36
C ASP A 194 7.17 -13.04 -26.14
N ILE A 195 7.30 -12.26 -25.08
CA ILE A 195 7.83 -12.80 -23.84
C ILE A 195 6.79 -12.75 -22.73
N SER A 196 5.51 -12.65 -23.12
CA SER A 196 4.41 -12.60 -22.16
C SER A 196 4.28 -13.90 -21.36
N ASP A 197 4.25 -13.76 -20.04
CA ASP A 197 4.12 -14.90 -19.16
C ASP A 197 3.05 -14.61 -18.11
N LYS A 198 1.95 -15.34 -18.19
CA LYS A 198 0.81 -15.09 -17.31
C LYS A 198 1.16 -15.28 -15.83
N VAL A 199 1.84 -16.37 -15.49
N VAL A 199 1.88 -16.35 -15.52
CA VAL A 199 2.08 -16.67 -14.09
CA VAL A 199 2.32 -16.59 -14.15
C VAL A 199 3.09 -15.67 -13.51
C VAL A 199 3.14 -15.40 -13.64
N ILE A 200 3.93 -15.11 -14.37
N ILE A 200 4.00 -14.87 -14.51
CA ILE A 200 4.80 -14.03 -13.95
CA ILE A 200 4.78 -13.68 -14.20
C ILE A 200 3.95 -12.78 -13.76
C ILE A 200 3.92 -12.41 -14.38
N GLY A 201 3.04 -12.54 -14.70
N GLY A 201 2.95 -12.48 -15.29
CA GLY A 201 2.16 -11.38 -14.67
CA GLY A 201 2.10 -11.34 -15.58
C GLY A 201 1.24 -11.35 -13.46
C GLY A 201 1.31 -10.84 -14.39
N PHE A 202 0.85 -12.52 -12.98
N PHE A 202 1.09 -11.71 -13.41
CA PHE A 202 0.02 -12.61 -11.78
CA PHE A 202 0.44 -11.31 -12.17
C PHE A 202 0.85 -12.55 -10.50
C PHE A 202 1.42 -10.57 -11.27
N THR A 203 2.13 -12.91 -10.61
N THR A 203 2.71 -10.89 -11.41
CA THR A 203 3.05 -12.75 -9.48
CA THR A 203 3.75 -10.22 -10.63
C THR A 203 3.29 -11.27 -9.16
C THR A 203 3.90 -8.79 -11.12
N LEU A 204 3.34 -10.44 -10.19
N LEU A 204 3.65 -8.61 -12.41
CA LEU A 204 3.67 -9.02 -10.05
CA LEU A 204 3.67 -7.28 -13.02
C LEU A 204 2.45 -8.11 -9.80
C LEU A 204 2.50 -6.44 -12.53
N VAL A 205 1.28 -8.70 -9.64
N VAL A 205 1.37 -7.08 -12.27
CA VAL A 205 0.04 -7.95 -9.45
CA VAL A 205 0.20 -6.37 -11.77
C VAL A 205 0.09 -7.04 -8.22
C VAL A 205 0.24 -6.18 -10.25
N ALA A 206 0.50 -7.60 -7.08
N ALA A 206 0.56 -7.24 -9.51
CA ALA A 206 0.56 -6.83 -5.83
CA ALA A 206 0.57 -7.18 -8.05
C ALA A 206 1.56 -5.68 -5.91
C ALA A 206 1.54 -6.11 -7.55
N PHE A 207 2.58 -5.84 -6.75
N PHE A 207 2.68 -6.02 -8.21
CA PHE A 207 3.59 -4.81 -6.95
CA PHE A 207 3.66 -5.00 -7.88
C PHE A 207 3.06 -3.64 -7.79
C PHE A 207 3.22 -3.64 -8.41
N GLY A 208 2.52 -3.95 -8.97
N GLY A 208 2.50 -3.67 -9.54
CA GLY A 208 1.97 -2.92 -9.84
CA GLY A 208 1.96 -2.46 -10.12
C GLY A 208 0.90 -2.10 -9.12
C GLY A 208 0.94 -1.78 -9.20
N THR A 209 0.12 -2.76 -8.27
N THR A 209 0.17 -2.58 -8.47
CA THR A 209 -0.84 -2.03 -7.48
CA THR A 209 -0.82 -2.01 -7.57
C THR A 209 -0.14 -1.30 -6.32
C THR A 209 -0.15 -1.30 -6.39
N SER A 210 1.08 -1.70 -5.99
N SER A 210 1.08 -1.68 -6.07
CA SER A 210 1.84 -1.06 -4.91
CA SER A 210 1.80 -1.08 -4.95
C SER A 210 2.77 0.05 -5.39
C SER A 210 2.77 0.01 -5.39
N LEU A 211 2.81 0.27 -6.69
CA LEU A 211 3.62 1.38 -7.25
C LEU A 211 3.23 2.76 -6.68
N PRO A 212 1.91 3.05 -6.53
CA PRO A 212 1.57 4.33 -5.89
C PRO A 212 2.18 4.45 -4.49
N GLU A 213 2.05 3.41 -3.64
CA GLU A 213 2.65 3.47 -2.29
C GLU A 213 4.15 3.68 -2.36
N LEU A 214 4.80 2.94 -3.25
CA LEU A 214 6.25 3.02 -3.38
C LEU A 214 6.69 4.44 -3.70
N MET A 215 6.11 5.00 -4.77
CA MET A 215 6.54 6.29 -5.26
C MET A 215 6.12 7.40 -4.30
N VAL A 216 4.97 7.22 -3.67
CA VAL A 216 4.49 8.23 -2.74
C VAL A 216 5.34 8.20 -1.48
N SER A 217 5.62 7.00 -0.95
CA SER A 217 6.48 6.90 0.23
C SER A 217 7.90 7.43 -0.03
N LEU A 218 8.46 7.10 -1.20
CA LEU A 218 9.81 7.59 -1.51
C LEU A 218 9.81 9.12 -1.60
N ALA A 219 8.78 9.69 -2.20
CA ALA A 219 8.73 11.16 -2.30
C ALA A 219 8.64 11.79 -0.91
N ALA A 220 7.84 11.19 -0.02
CA ALA A 220 7.72 11.71 1.34
C ALA A 220 9.04 11.51 2.10
N ALA A 221 9.70 10.39 1.88
CA ALA A 221 10.98 10.15 2.54
C ALA A 221 12.04 11.19 2.12
N LYS A 222 12.04 11.55 0.84
CA LYS A 222 13.01 12.53 0.35
C LYS A 222 12.81 13.88 0.99
N ARG A 223 11.58 14.16 1.43
CA ARG A 223 11.24 15.40 2.11
C ARG A 223 11.28 15.20 3.62
N ASN A 224 11.92 14.12 4.05
CA ASN A 224 12.02 13.77 5.46
C ASN A 224 10.70 13.70 6.20
N LEU A 225 9.63 13.31 5.51
CA LEU A 225 8.33 13.25 6.16
C LEU A 225 8.09 11.85 6.70
N GLY A 226 8.88 11.49 7.71
CA GLY A 226 8.86 10.15 8.28
C GLY A 226 7.52 9.65 8.81
N GLY A 227 6.78 10.50 9.52
CA GLY A 227 5.46 10.13 10.02
C GLY A 227 4.48 9.82 8.90
N MET A 228 4.58 10.59 7.81
CA MET A 228 3.72 10.39 6.66
C MET A 228 4.02 9.04 6.02
N VAL A 229 5.31 8.73 5.87
CA VAL A 229 5.74 7.43 5.35
C VAL A 229 5.15 6.30 6.19
N LEU A 230 5.32 6.41 7.50
CA LEU A 230 4.85 5.38 8.40
C LEU A 230 3.32 5.27 8.32
N GLY A 231 2.63 6.41 8.25
CA GLY A 231 1.17 6.40 8.15
C GLY A 231 0.70 5.70 6.88
N ASN A 232 1.34 6.04 5.77
CA ASN A 232 1.02 5.44 4.48
C ASN A 232 1.20 3.91 4.50
N VAL A 233 2.30 3.44 5.11
CA VAL A 233 2.55 2.00 5.14
C VAL A 233 1.55 1.29 6.04
N ILE A 234 1.41 1.76 7.28
CA ILE A 234 0.50 1.13 8.24
C ILE A 234 -0.96 1.17 7.74
N GLY A 235 -1.42 2.35 7.31
CA GLY A 235 -2.75 2.51 6.75
C GLY A 235 -3.00 1.69 5.48
N SER A 236 -2.03 1.63 4.57
CA SER A 236 -2.26 0.86 3.34
C SER A 236 -2.45 -0.61 3.69
N ASN A 237 -1.69 -1.09 4.65
CA ASN A 237 -1.84 -2.50 5.03
C ASN A 237 -3.21 -2.77 5.64
N ILE A 238 -3.70 -1.85 6.45
CA ILE A 238 -5.03 -2.03 7.01
C ILE A 238 -6.07 -1.93 5.90
N ALA A 239 -5.88 -0.99 4.97
CA ALA A 239 -6.80 -0.86 3.84
C ALA A 239 -6.75 -2.08 2.93
N ASP A 240 -5.59 -2.70 2.83
CA ASP A 240 -5.45 -3.87 2.00
C ASP A 240 -6.11 -5.09 2.62
N ILE A 241 -6.21 -5.09 3.95
CA ILE A 241 -6.81 -6.21 4.65
C ILE A 241 -8.30 -5.93 4.92
N GLY A 242 -8.60 -4.82 5.59
CA GLY A 242 -9.99 -4.48 5.90
C GLY A 242 -10.75 -3.96 4.69
N GLY A 243 -10.03 -3.65 3.61
CA GLY A 243 -10.66 -3.15 2.40
C GLY A 243 -10.56 -4.10 1.21
N ALA A 244 -9.34 -4.29 0.70
CA ALA A 244 -9.13 -5.12 -0.49
C ALA A 244 -9.49 -6.59 -0.23
N LEU A 245 -8.85 -7.19 0.75
CA LEU A 245 -9.11 -8.58 1.08
C LEU A 245 -10.60 -8.76 1.44
N ALA A 246 -11.09 -7.90 2.33
CA ALA A 246 -12.46 -7.99 2.84
C ALA A 246 -13.48 -7.99 1.73
N VAL A 247 -13.35 -7.03 0.81
CA VAL A 247 -14.28 -6.95 -0.30
C VAL A 247 -14.17 -8.18 -1.19
N GLY A 248 -12.96 -8.67 -1.39
CA GLY A 248 -12.80 -9.91 -2.14
C GLY A 248 -13.64 -11.04 -1.55
N SER A 249 -13.60 -11.17 -0.22
CA SER A 249 -14.25 -12.29 0.45
C SER A 249 -15.78 -12.20 0.35
N LEU A 250 -16.28 -11.01 0.00
CA LEU A 250 -17.70 -10.79 -0.17
C LEU A 250 -18.24 -11.52 -1.41
N PHE A 251 -17.39 -11.66 -2.42
CA PHE A 251 -17.81 -12.32 -3.66
C PHE A 251 -17.59 -13.81 -3.58
N MET A 252 -16.64 -14.22 -2.76
CA MET A 252 -16.22 -15.60 -2.76
C MET A 252 -15.31 -15.88 -1.59
N HIS A 253 -15.40 -17.07 -1.04
CA HIS A 253 -14.49 -17.50 0.01
C HIS A 253 -13.04 -17.42 -0.50
N LEU A 254 -12.16 -16.77 0.26
CA LEU A 254 -10.75 -16.70 -0.14
C LEU A 254 -9.99 -17.85 0.48
N PRO A 255 -9.08 -18.48 -0.27
CA PRO A 255 -8.29 -19.58 0.27
C PRO A 255 -7.28 -19.08 1.28
N ALA A 256 -6.86 -19.93 2.22
CA ALA A 256 -5.88 -19.53 3.22
C ALA A 256 -4.53 -19.26 2.56
N GLU A 257 -3.81 -18.27 3.10
CA GLU A 257 -2.44 -17.98 2.72
C GLU A 257 -1.65 -17.91 4.01
N ASN A 258 -1.54 -19.05 4.70
CA ASN A 258 -0.98 -19.04 6.05
C ASN A 258 0.51 -18.74 6.08
N VAL A 259 1.22 -19.12 5.02
CA VAL A 259 2.65 -18.83 4.94
C VAL A 259 2.89 -17.33 4.73
N GLN A 260 2.16 -16.75 3.79
CA GLN A 260 2.27 -15.30 3.58
C GLN A 260 1.79 -14.51 4.79
N MET A 261 0.74 -14.98 5.47
CA MET A 261 0.26 -14.30 6.68
C MET A 261 1.30 -14.39 7.79
N ALA A 262 1.92 -15.55 7.96
CA ALA A 262 2.99 -15.70 8.95
C ALA A 262 4.13 -14.71 8.64
N VAL A 263 4.45 -14.55 7.36
CA VAL A 263 5.48 -13.62 6.96
C VAL A 263 5.08 -12.18 7.30
N LEU A 264 3.85 -11.81 6.95
CA LEU A 264 3.33 -10.50 7.28
C LEU A 264 3.32 -10.25 8.79
N VAL A 265 2.84 -11.23 9.54
CA VAL A 265 2.83 -11.11 11.00
C VAL A 265 4.26 -10.88 11.55
N ILE A 266 5.22 -11.64 11.07
CA ILE A 266 6.60 -11.48 11.52
C ILE A 266 7.16 -10.10 11.18
N MET A 267 6.92 -9.64 9.95
CA MET A 267 7.38 -8.31 9.56
C MET A 267 6.69 -7.21 10.36
N SER A 268 5.41 -7.42 10.66
CA SER A 268 4.61 -6.44 11.39
C SER A 268 5.06 -6.37 12.84
N LEU A 269 5.32 -7.52 13.43
CA LEU A 269 5.90 -7.58 14.76
C LEU A 269 7.27 -6.88 14.82
N LEU A 270 8.15 -7.15 13.84
CA LEU A 270 9.43 -6.47 13.75
C LEU A 270 9.26 -4.95 13.68
N LEU A 271 8.33 -4.51 12.84
CA LEU A 271 8.04 -3.11 12.71
C LEU A 271 7.62 -2.48 14.05
N TYR A 272 6.72 -3.12 14.79
CA TYR A 272 6.30 -2.58 16.08
C TYR A 272 7.45 -2.53 17.09
N LEU A 273 8.24 -3.61 17.14
CA LEU A 273 9.37 -3.72 18.07
C LEU A 273 10.43 -2.65 17.78
N PHE A 274 10.74 -2.44 16.51
CA PHE A 274 11.64 -1.35 16.15
C PHE A 274 11.05 0.00 16.57
N ALA A 275 9.77 0.22 16.25
CA ALA A 275 9.12 1.48 16.60
C ALA A 275 9.12 1.74 18.11
N LYS A 276 8.90 0.68 18.88
CA LYS A 276 8.75 0.81 20.33
C LYS A 276 10.10 0.88 21.05
N TYR A 277 11.06 0.07 20.65
CA TYR A 277 12.29 -0.04 21.45
C TYR A 277 13.51 0.53 20.77
N SER A 278 13.38 0.92 19.52
CA SER A 278 14.54 1.40 18.80
C SER A 278 14.15 2.51 17.86
N LYS A 279 14.53 2.37 16.60
CA LYS A 279 14.07 3.28 15.55
C LYS A 279 13.89 2.54 14.26
N ILE A 280 13.29 3.21 13.30
CA ILE A 280 13.15 2.69 11.96
C ILE A 280 14.10 3.46 11.06
N GLY A 281 15.36 3.02 11.06
CA GLY A 281 16.39 3.70 10.32
C GLY A 281 17.16 2.79 9.37
N ARG A 282 18.42 3.11 9.16
CA ARG A 282 19.21 2.46 8.12
C ARG A 282 19.22 0.94 8.24
N TRP A 283 19.62 0.43 9.39
CA TRP A 283 19.82 -1.01 9.53
C TRP A 283 18.51 -1.78 9.69
N GLN A 284 17.49 -1.13 10.25
CA GLN A 284 16.14 -1.70 10.25
C GLN A 284 15.64 -1.81 8.79
N GLY A 285 15.88 -0.78 8.00
CA GLY A 285 15.50 -0.78 6.59
C GLY A 285 16.25 -1.84 5.80
N ILE A 286 17.53 -2.00 6.09
CA ILE A 286 18.32 -3.05 5.45
C ILE A 286 17.73 -4.43 5.75
N LEU A 287 17.36 -4.66 7.01
CA LEU A 287 16.75 -5.92 7.39
C LEU A 287 15.41 -6.15 6.66
N PHE A 288 14.60 -5.11 6.56
CA PHE A 288 13.32 -5.22 5.87
C PHE A 288 13.53 -5.58 4.39
N LEU A 289 14.52 -4.95 3.76
CA LEU A 289 14.85 -5.25 2.37
C LEU A 289 15.36 -6.70 2.21
N ALA A 290 16.24 -7.13 3.11
CA ALA A 290 16.76 -8.49 3.04
C ALA A 290 15.61 -9.51 3.15
N LEU A 291 14.68 -9.25 4.09
CA LEU A 291 13.54 -10.14 4.27
C LEU A 291 12.62 -10.13 3.05
N TYR A 292 12.44 -8.95 2.45
CA TYR A 292 11.63 -8.85 1.24
C TYR A 292 12.28 -9.66 0.11
N ILE A 293 13.59 -9.55 -0.01
CA ILE A 293 14.30 -10.25 -1.07
C ILE A 293 14.24 -11.76 -0.88
N ILE A 294 14.43 -12.21 0.35
CA ILE A 294 14.26 -13.61 0.68
C ILE A 294 12.84 -14.05 0.33
N ALA A 295 11.86 -13.21 0.65
CA ALA A 295 10.46 -13.51 0.37
C ALA A 295 10.19 -13.71 -1.11
N ILE A 296 10.65 -12.79 -1.94
CA ILE A 296 10.36 -12.93 -3.36
C ILE A 296 11.24 -14.02 -3.99
N ALA A 297 12.37 -14.35 -3.36
CA ALA A 297 13.19 -15.48 -3.81
C ALA A 297 12.60 -16.85 -3.45
N SER A 298 11.73 -16.91 -2.45
CA SER A 298 11.32 -18.20 -1.91
C SER A 298 9.83 -18.50 -1.94
N LEU A 299 8.99 -17.47 -1.90
CA LEU A 299 7.54 -17.68 -1.86
C LEU A 299 7.03 -18.22 -3.19
N ARG A 300 5.98 -19.05 -3.14
CA ARG A 300 5.46 -19.64 -4.36
C ARG A 300 4.89 -18.60 -5.32
N MET A 301 5.24 -18.71 -6.60
CA MET A 301 4.81 -17.74 -7.60
C MET A 301 3.36 -17.99 -7.99
N GLY A 302 2.83 -17.07 -8.79
CA GLY A 302 1.46 -17.18 -9.27
C GLY A 302 0.52 -16.14 -8.70
N GLY A 303 0.97 -15.44 -7.66
CA GLY A 303 0.17 -14.41 -7.02
C GLY A 303 -1.08 -14.94 -6.33
N GLY A 304 -1.05 -16.21 -5.93
CA GLY A 304 -2.21 -16.87 -5.39
C GLY A 304 -2.96 -17.60 -6.50
#